data_1F20
#
_entry.id   1F20
#
_cell.length_a   59.07
_cell.length_b   64.37
_cell.length_c   159.43
_cell.angle_alpha   90
_cell.angle_beta   90
_cell.angle_gamma   90
#
_symmetry.space_group_name_H-M   'P 21 21 21'
#
loop_
_entity.id
_entity.type
_entity.pdbx_description
1 polymer 'NITRIC-OXIDE SYNTHASE'
2 non-polymer 'FLAVIN-ADENINE DINUCLEOTIDE'
3 non-polymer 'NADP NICOTINAMIDE-ADENINE-DINUCLEOTIDE PHOSPHATE'
4 non-polymer GLYCEROL
5 non-polymer 'FORMIC ACID'
6 water water
#
_entity_poly.entity_id   1
_entity_poly.type   'polypeptide(L)'
_entity_poly.pdbx_seq_one_letter_code
;SWKRNKFRLTYVAEAPDLTQGLSNVHKKRVSAARLLSRQNLQSPKSSRSTIFVRLHTNGNQELQYQPGDHLGVFPGNHED
LVNALIERLEDAPPANHVVKVEMLEERNTALGVISNWKDESRLPPCTIFQAFKYYLDITTPPTPLQLQQFASLATNEKEK
QRLLVLSKGLQEYEEWKWGKNPTMVEVLEEFPSIQMPATLLLTQLSLLQPRYYSISSSPDMYPDEVHLTVAIVSYHTRDG
EGPVHHGVCSSWLNRIQADDVVPCFVRGAPSFHLPRNPQVPCILVGPGTGIAPFRSFWQQRQFDIQHKGMNPCPMVLVFG
CRQSKIDHIYREETLQAKNKGVFRELYTAYSREPDRPKKYVQDVLQEQLAESVYRALKEQGGHIYVCGDVTMAADVLKAI
QRIMTQQGKLSEEDAGVFISRLRDDNRYHEDIFGV
;
_entity_poly.pdbx_strand_id   A
#
loop_
_chem_comp.id
_chem_comp.type
_chem_comp.name
_chem_comp.formula
FAD non-polymer 'FLAVIN-ADENINE DINUCLEOTIDE' 'C27 H33 N9 O15 P2'
FMT non-polymer 'FORMIC ACID' 'C H2 O2'
GOL non-polymer GLYCEROL 'C3 H8 O3'
NAP non-polymer 'NADP NICOTINAMIDE-ADENINE-DINUCLEOTIDE PHOSPHATE' 'C21 H28 N7 O17 P3'
#
# COMPACT_ATOMS: atom_id res chain seq x y z
N SER A 1 16.42 7.43 21.41
CA SER A 1 16.27 6.39 22.47
C SER A 1 15.45 6.95 23.61
N TRP A 2 14.94 6.06 24.47
CA TRP A 2 14.12 6.48 25.60
C TRP A 2 14.68 6.06 26.97
N LYS A 3 14.43 6.92 27.96
CA LYS A 3 14.86 6.68 29.33
C LYS A 3 13.90 7.42 30.27
N ARG A 4 13.75 6.91 31.49
CA ARG A 4 12.85 7.56 32.45
C ARG A 4 13.22 9.03 32.63
N ASN A 5 12.22 9.84 32.98
CA ASN A 5 12.43 11.27 33.22
C ASN A 5 13.12 12.00 32.07
N LYS A 6 12.86 11.56 30.84
CA LYS A 6 13.46 12.20 29.67
C LYS A 6 12.35 12.85 28.85
N PHE A 7 11.17 12.26 28.89
CA PHE A 7 10.01 12.79 28.19
C PHE A 7 8.81 13.02 29.11
N ARG A 8 7.96 13.97 28.75
CA ARG A 8 6.77 14.25 29.54
C ARG A 8 5.67 14.74 28.61
N LEU A 9 4.42 14.55 29.03
CA LEU A 9 3.29 14.99 28.24
C LEU A 9 2.77 16.27 28.85
N THR A 10 2.44 17.23 28.01
CA THR A 10 1.93 18.52 28.46
C THR A 10 0.65 18.94 27.76
N TYR A 11 -0.35 19.31 28.54
CA TYR A 11 -1.63 19.75 27.97
C TYR A 11 -1.45 21.05 27.21
N VAL A 12 -2.15 21.17 26.09
CA VAL A 12 -2.09 22.38 25.27
C VAL A 12 -3.47 22.59 24.66
N ALA A 13 -3.85 23.84 24.46
CA ALA A 13 -5.17 24.15 23.93
C ALA A 13 -5.37 24.14 22.43
N GLU A 14 -4.31 24.36 21.65
CA GLU A 14 -4.43 24.38 20.19
C GLU A 14 -3.94 23.09 19.54
N ALA A 15 -4.61 22.69 18.47
CA ALA A 15 -4.26 21.48 17.74
C ALA A 15 -4.83 21.54 16.32
N PRO A 16 -4.04 21.12 15.32
CA PRO A 16 -4.47 21.13 13.92
C PRO A 16 -5.43 19.99 13.61
N ASP A 17 -6.17 20.09 12.50
CA ASP A 17 -7.06 19.00 12.16
C ASP A 17 -6.19 17.87 11.61
N LEU A 18 -6.79 16.72 11.32
CA LEU A 18 -6.01 15.57 10.85
C LEU A 18 -5.13 15.81 9.61
N THR A 19 -5.71 16.36 8.54
CA THR A 19 -4.94 16.59 7.32
C THR A 19 -3.78 17.56 7.51
N GLN A 20 -3.94 18.53 8.41
CA GLN A 20 -2.87 19.48 8.65
C GLN A 20 -1.78 18.80 9.49
N GLY A 21 -2.22 18.02 10.47
CA GLY A 21 -1.27 17.33 11.32
C GLY A 21 -0.42 16.36 10.53
N LEU A 22 -1.06 15.64 9.61
CA LEU A 22 -0.35 14.69 8.78
C LEU A 22 0.60 15.44 7.85
N SER A 23 0.13 16.55 7.29
CA SER A 23 0.97 17.35 6.41
C SER A 23 2.24 17.81 7.15
N ASN A 24 2.06 18.32 8.37
CA ASN A 24 3.18 18.79 9.16
C ASN A 24 4.16 17.65 9.50
N VAL A 25 3.60 16.53 9.94
CA VAL A 25 4.41 15.37 10.31
C VAL A 25 5.21 14.76 9.17
N HIS A 26 4.55 14.60 8.02
CA HIS A 26 5.19 13.96 6.87
C HIS A 26 5.86 14.91 5.88
N LYS A 27 5.79 16.20 6.16
CA LYS A 27 6.42 17.20 5.31
C LYS A 27 5.93 17.22 3.87
N LYS A 28 4.63 17.11 3.68
CA LYS A 28 4.04 17.12 2.34
C LYS A 28 2.58 17.53 2.47
N ARG A 29 2.01 18.04 1.39
CA ARG A 29 0.62 18.49 1.41
C ARG A 29 -0.36 17.31 1.35
N VAL A 30 -1.02 17.05 2.46
CA VAL A 30 -2.02 15.98 2.53
C VAL A 30 -3.38 16.64 2.37
N SER A 31 -4.24 16.06 1.54
CA SER A 31 -5.57 16.61 1.29
C SER A 31 -6.68 15.73 1.85
N ALA A 32 -7.86 16.33 2.02
CA ALA A 32 -9.01 15.62 2.57
C ALA A 32 -9.98 15.19 1.47
N ALA A 33 -10.07 13.88 1.25
CA ALA A 33 -11.00 13.33 0.27
C ALA A 33 -12.17 12.73 1.06
N ARG A 34 -13.24 12.36 0.36
CA ARG A 34 -14.43 11.79 1.00
C ARG A 34 -14.81 10.45 0.38
N LEU A 35 -15.20 9.48 1.19
CA LEU A 35 -15.63 8.20 0.65
C LEU A 35 -17.02 8.35 0.04
N LEU A 36 -17.16 7.95 -1.22
CA LEU A 36 -18.45 8.03 -1.89
C LEU A 36 -19.11 6.67 -1.77
N SER A 37 -18.36 5.63 -2.10
CA SER A 37 -18.88 4.28 -2.06
C SER A 37 -17.80 3.21 -2.07
N ARG A 38 -18.19 2.00 -1.70
CA ARG A 38 -17.31 0.85 -1.69
C ARG A 38 -18.16 -0.32 -2.18
N GLN A 39 -17.57 -1.19 -3.00
CA GLN A 39 -18.25 -2.37 -3.52
C GLN A 39 -17.29 -3.55 -3.58
N ASN A 40 -17.79 -4.75 -3.30
CA ASN A 40 -16.97 -5.95 -3.35
C ASN A 40 -16.89 -6.37 -4.81
N LEU A 41 -15.70 -6.77 -5.25
CA LEU A 41 -15.52 -7.17 -6.64
C LEU A 41 -15.43 -8.68 -6.86
N GLN A 42 -15.15 -9.44 -5.81
CA GLN A 42 -15.07 -10.89 -5.97
C GLN A 42 -16.40 -11.51 -5.55
N SER A 43 -16.59 -12.77 -5.92
CA SER A 43 -17.81 -13.48 -5.57
C SER A 43 -17.94 -13.62 -4.07
N PRO A 44 -19.17 -13.61 -3.56
CA PRO A 44 -19.33 -13.75 -2.12
C PRO A 44 -18.80 -15.10 -1.62
N LYS A 45 -18.72 -16.10 -2.50
CA LYS A 45 -18.21 -17.39 -2.08
C LYS A 45 -16.69 -17.45 -2.10
N SER A 46 -16.05 -16.35 -2.46
CA SER A 46 -14.59 -16.31 -2.50
C SER A 46 -14.02 -16.31 -1.08
N SER A 47 -12.82 -16.84 -0.93
CA SER A 47 -12.17 -16.88 0.38
C SER A 47 -11.43 -15.55 0.57
N ARG A 48 -11.32 -14.78 -0.50
CA ARG A 48 -10.65 -13.49 -0.46
C ARG A 48 -11.57 -12.37 -0.92
N SER A 49 -11.10 -11.13 -0.79
CA SER A 49 -11.89 -10.00 -1.22
C SER A 49 -11.06 -8.91 -1.84
N THR A 50 -11.63 -8.22 -2.83
CA THR A 50 -10.98 -7.08 -3.46
C THR A 50 -12.10 -6.06 -3.54
N ILE A 51 -11.85 -4.85 -3.07
CA ILE A 51 -12.89 -3.85 -3.08
C ILE A 51 -12.62 -2.71 -4.05
N PHE A 52 -13.70 -2.16 -4.58
CA PHE A 52 -13.68 -1.02 -5.48
C PHE A 52 -14.05 0.17 -4.61
N VAL A 53 -13.15 1.15 -4.54
CA VAL A 53 -13.40 2.33 -3.70
C VAL A 53 -13.51 3.61 -4.51
N ARG A 54 -14.56 4.37 -4.27
CA ARG A 54 -14.77 5.66 -4.95
C ARG A 54 -14.64 6.79 -3.93
N LEU A 55 -13.71 7.70 -4.20
CA LEU A 55 -13.46 8.82 -3.31
C LEU A 55 -13.78 10.12 -4.04
N HIS A 56 -14.25 11.12 -3.31
CA HIS A 56 -14.53 12.42 -3.91
C HIS A 56 -13.40 13.32 -3.46
N THR A 57 -12.87 14.12 -4.36
CA THR A 57 -11.74 15.01 -4.04
C THR A 57 -12.16 16.35 -3.44
N ASN A 58 -13.45 16.60 -3.29
CA ASN A 58 -13.92 17.87 -2.76
C ASN A 58 -13.44 18.99 -3.67
N GLY A 59 -13.26 18.70 -4.95
CA GLY A 59 -12.79 19.69 -5.90
C GLY A 59 -11.42 20.26 -5.61
N ASN A 60 -10.66 19.58 -4.74
CA ASN A 60 -9.33 20.04 -4.36
C ASN A 60 -8.33 19.84 -5.51
N GLN A 61 -7.83 20.95 -6.04
CA GLN A 61 -6.88 20.92 -7.16
C GLN A 61 -5.58 20.20 -6.85
N GLU A 62 -5.22 20.10 -5.57
CA GLU A 62 -3.98 19.42 -5.22
C GLU A 62 -4.09 17.92 -5.47
N LEU A 63 -5.31 17.45 -5.71
CA LEU A 63 -5.54 16.04 -5.98
C LEU A 63 -5.66 15.75 -7.46
N GLN A 64 -5.14 16.65 -8.29
CA GLN A 64 -5.18 16.43 -9.73
C GLN A 64 -4.26 15.24 -10.01
N TYR A 65 -4.63 14.43 -11.00
CA TYR A 65 -3.84 13.25 -11.34
C TYR A 65 -4.05 12.83 -12.79
N GLN A 66 -3.18 11.94 -13.26
CA GLN A 66 -3.27 11.40 -14.62
C GLN A 66 -3.32 9.88 -14.51
N PRO A 67 -3.91 9.21 -15.50
CA PRO A 67 -3.97 7.75 -15.46
C PRO A 67 -2.56 7.21 -15.26
N GLY A 68 -2.40 6.27 -14.33
CA GLY A 68 -1.09 5.71 -14.07
C GLY A 68 -0.50 6.19 -12.75
N ASP A 69 -1.00 7.32 -12.24
CA ASP A 69 -0.50 7.86 -10.98
C ASP A 69 -0.96 7.03 -9.78
N HIS A 70 -0.38 7.33 -8.63
CA HIS A 70 -0.72 6.64 -7.40
C HIS A 70 -1.34 7.61 -6.40
N LEU A 71 -2.05 7.06 -5.43
CA LEU A 71 -2.65 7.87 -4.39
C LEU A 71 -2.14 7.32 -3.07
N GLY A 72 -1.48 8.18 -2.29
CA GLY A 72 -0.97 7.77 -0.98
C GLY A 72 -2.12 7.97 -0.03
N VAL A 73 -2.41 6.97 0.79
CA VAL A 73 -3.54 7.06 1.72
C VAL A 73 -3.15 6.81 3.18
N PHE A 74 -3.57 7.71 4.07
CA PHE A 74 -3.29 7.58 5.50
C PHE A 74 -4.52 6.99 6.19
N PRO A 75 -4.40 5.76 6.70
CA PRO A 75 -5.51 5.08 7.37
C PRO A 75 -5.47 5.30 8.88
N GLY A 76 -6.45 4.75 9.56
CA GLY A 76 -6.51 4.86 11.00
C GLY A 76 -6.47 3.45 11.54
N ASN A 77 -5.77 3.23 12.63
CA ASN A 77 -5.72 1.90 13.24
C ASN A 77 -7.12 1.60 13.77
N HIS A 78 -7.42 0.33 13.98
CA HIS A 78 -8.73 -0.06 14.50
C HIS A 78 -8.88 0.49 15.92
N GLU A 79 -10.03 1.09 16.20
CA GLU A 79 -10.28 1.65 17.54
C GLU A 79 -10.20 0.66 18.69
N ASP A 80 -10.68 -0.57 18.48
CA ASP A 80 -10.62 -1.57 19.54
C ASP A 80 -9.17 -1.80 19.92
N LEU A 81 -8.29 -1.78 18.93
CA LEU A 81 -6.87 -1.98 19.16
C LEU A 81 -6.25 -0.77 19.86
N VAL A 82 -6.67 0.43 19.45
CA VAL A 82 -6.15 1.65 20.05
C VAL A 82 -6.59 1.73 21.52
N ASN A 83 -7.84 1.36 21.79
CA ASN A 83 -8.37 1.39 23.14
C ASN A 83 -7.71 0.34 24.04
N ALA A 84 -7.51 -0.85 23.50
CA ALA A 84 -6.88 -1.93 24.25
C ALA A 84 -5.43 -1.58 24.60
N LEU A 85 -4.76 -0.87 23.71
CA LEU A 85 -3.37 -0.48 23.93
C LEU A 85 -3.28 0.59 25.01
N ILE A 86 -4.16 1.57 24.93
CA ILE A 86 -4.19 2.64 25.92
C ILE A 86 -4.42 2.08 27.32
N GLU A 87 -5.24 1.03 27.40
CA GLU A 87 -5.55 0.41 28.68
C GLU A 87 -4.35 -0.25 29.36
N ARG A 88 -3.31 -0.55 28.60
CA ARG A 88 -2.12 -1.17 29.16
C ARG A 88 -1.02 -0.17 29.43
N LEU A 89 -1.34 1.11 29.37
CA LEU A 89 -0.36 2.13 29.63
C LEU A 89 -0.30 2.41 31.12
N GLU A 90 0.91 2.71 31.60
CA GLU A 90 1.18 2.96 33.01
C GLU A 90 0.79 4.36 33.43
N ASP A 91 1.43 5.38 32.86
CA ASP A 91 1.08 6.75 33.21
C ASP A 91 0.44 7.53 32.07
N ALA A 92 -0.75 7.13 31.65
CA ALA A 92 -1.42 7.80 30.55
C ALA A 92 -2.51 8.73 31.07
N PRO A 93 -2.54 9.98 30.59
CA PRO A 93 -3.56 10.97 30.98
C PRO A 93 -4.78 10.40 30.31
N PRO A 94 -5.97 10.94 30.63
CA PRO A 94 -7.14 10.37 29.95
C PRO A 94 -6.78 10.55 28.48
N ALA A 95 -7.10 9.58 27.62
CA ALA A 95 -6.73 9.69 26.22
C ALA A 95 -7.53 10.66 25.36
N ASN A 96 -8.37 11.47 25.99
CA ASN A 96 -9.20 12.41 25.25
C ASN A 96 -8.76 13.87 25.35
N HIS A 97 -7.58 14.11 25.90
CA HIS A 97 -7.08 15.48 26.00
C HIS A 97 -5.86 15.74 25.13
N VAL A 98 -5.83 16.93 24.51
CA VAL A 98 -4.75 17.31 23.62
C VAL A 98 -3.45 17.58 24.37
N VAL A 99 -2.42 16.81 24.04
CA VAL A 99 -1.12 16.97 24.68
C VAL A 99 -0.02 17.04 23.63
N LYS A 100 1.15 17.52 24.05
CA LYS A 100 2.31 17.60 23.17
C LYS A 100 3.41 16.88 23.93
N VAL A 101 4.45 16.44 23.22
CA VAL A 101 5.54 15.75 23.86
C VAL A 101 6.75 16.66 24.02
N GLU A 102 7.25 16.76 25.25
CA GLU A 102 8.42 17.58 25.53
C GLU A 102 9.55 16.64 25.94
N MET A 103 10.77 17.01 25.59
CA MET A 103 11.92 16.18 25.94
C MET A 103 12.98 16.98 26.69
N LEU A 104 13.52 16.39 27.75
CA LEU A 104 14.54 17.05 28.55
C LEU A 104 15.86 17.01 27.79
N GLU A 105 16.23 18.17 27.22
CA GLU A 105 17.45 18.32 26.45
C GLU A 105 18.57 18.72 27.39
N GLU A 106 19.60 17.88 27.44
CA GLU A 106 20.73 18.19 28.29
C GLU A 106 21.95 18.46 27.48
N ARG A 107 22.80 19.33 28.01
CA ARG A 107 24.00 19.59 27.29
C ARG A 107 25.26 19.38 28.03
N ASN A 108 26.17 18.95 27.17
CA ASN A 108 27.56 18.58 27.24
C ASN A 108 28.60 18.82 28.38
N THR A 109 29.84 18.97 27.90
CA THR A 109 31.05 19.24 28.69
C THR A 109 30.92 20.66 29.20
N ALA A 110 29.68 21.12 29.25
CA ALA A 110 29.39 22.42 29.83
C ALA A 110 29.34 21.87 31.25
N LEU A 111 30.41 22.20 31.98
CA LEU A 111 30.75 21.87 33.36
C LEU A 111 29.67 21.98 34.46
N GLY A 112 28.75 21.02 34.43
CA GLY A 112 27.64 21.01 35.38
C GLY A 112 26.45 20.39 34.69
N VAL A 113 26.46 20.54 33.36
CA VAL A 113 25.43 20.05 32.46
C VAL A 113 24.07 20.71 32.69
N ILE A 114 23.57 21.30 31.61
CA ILE A 114 22.34 22.06 31.57
C ILE A 114 21.17 21.39 30.87
N SER A 115 20.12 21.07 31.64
CA SER A 115 18.93 20.44 31.08
C SER A 115 17.88 21.50 30.77
N ASN A 116 17.11 21.27 29.71
CA ASN A 116 16.08 22.22 29.29
C ASN A 116 14.94 21.50 28.58
N TRP A 117 13.72 21.73 29.03
CA TRP A 117 12.57 21.11 28.39
C TRP A 117 12.22 21.86 27.12
N LYS A 118 11.79 21.12 26.10
CA LYS A 118 11.42 21.71 24.82
C LYS A 118 10.57 20.70 24.04
N ASP A 119 9.80 21.20 23.09
CA ASP A 119 8.95 20.32 22.29
C ASP A 119 9.76 19.34 21.46
N GLU A 120 9.36 18.07 21.49
CA GLU A 120 10.04 17.05 20.71
C GLU A 120 9.76 17.35 19.25
N SER A 121 8.53 17.81 18.99
CA SER A 121 8.09 18.18 17.66
C SER A 121 8.02 17.06 16.62
N ARG A 122 7.76 15.83 17.07
CA ARG A 122 7.65 14.70 16.16
C ARG A 122 6.19 14.65 15.73
N LEU A 123 5.32 14.42 16.71
CA LEU A 123 3.88 14.37 16.48
C LEU A 123 3.33 15.77 16.67
N PRO A 124 2.14 16.04 16.13
CA PRO A 124 1.58 17.38 16.31
C PRO A 124 0.76 17.33 17.59
N PRO A 125 0.29 18.48 18.08
CA PRO A 125 -0.51 18.44 19.30
C PRO A 125 -1.76 17.60 19.03
N CYS A 126 -1.99 16.57 19.86
CA CYS A 126 -3.15 15.73 19.69
C CYS A 126 -3.37 14.89 20.94
N THR A 127 -4.50 14.21 21.02
CA THR A 127 -4.79 13.35 22.17
C THR A 127 -4.05 12.03 21.98
N ILE A 128 -3.88 11.31 23.07
CA ILE A 128 -3.20 10.02 23.01
C ILE A 128 -3.94 9.06 22.10
N PHE A 129 -5.27 9.15 22.09
CA PHE A 129 -6.08 8.27 21.25
C PHE A 129 -5.82 8.59 19.79
N GLN A 130 -5.78 9.87 19.46
CA GLN A 130 -5.55 10.29 18.09
C GLN A 130 -4.14 9.95 17.61
N ALA A 131 -3.18 9.95 18.53
CA ALA A 131 -1.79 9.63 18.18
C ALA A 131 -1.65 8.16 17.79
N PHE A 132 -2.27 7.28 18.57
CA PHE A 132 -2.21 5.85 18.32
C PHE A 132 -3.08 5.41 17.14
N LYS A 133 -4.12 6.18 16.85
CA LYS A 133 -5.00 5.82 15.75
C LYS A 133 -4.56 6.35 14.39
N TYR A 134 -4.09 7.60 14.36
CA TYR A 134 -3.71 8.21 13.08
C TYR A 134 -2.23 8.49 12.82
N TYR A 135 -1.40 8.47 13.86
CA TYR A 135 0.01 8.81 13.64
C TYR A 135 1.07 7.76 13.89
N LEU A 136 0.74 6.72 14.65
CA LEU A 136 1.75 5.71 14.98
C LEU A 136 1.46 4.28 14.56
N ASP A 137 2.52 3.54 14.28
CA ASP A 137 2.45 2.14 13.89
C ASP A 137 2.43 1.31 15.18
N ILE A 138 1.27 0.73 15.49
CA ILE A 138 1.12 -0.09 16.70
C ILE A 138 0.97 -1.56 16.32
N THR A 139 1.16 -1.85 15.04
CA THR A 139 0.96 -3.20 14.55
C THR A 139 2.25 -3.99 14.26
N THR A 140 3.30 -3.31 13.78
CA THR A 140 4.58 -3.96 13.46
C THR A 140 5.21 -4.55 14.73
N PRO A 141 5.58 -5.83 14.69
CA PRO A 141 6.20 -6.51 15.85
C PRO A 141 7.45 -5.79 16.34
N PRO A 142 7.62 -5.71 17.67
CA PRO A 142 8.81 -5.04 18.20
C PRO A 142 10.09 -5.78 17.81
N THR A 143 11.17 -5.01 17.69
CA THR A 143 12.48 -5.56 17.33
C THR A 143 13.11 -6.23 18.56
N PRO A 144 14.15 -7.04 18.35
CA PRO A 144 14.80 -7.71 19.49
C PRO A 144 15.27 -6.69 20.52
N LEU A 145 15.76 -5.55 20.02
CA LEU A 145 16.25 -4.48 20.88
C LEU A 145 15.12 -3.85 21.69
N GLN A 146 13.93 -3.73 21.10
CA GLN A 146 12.82 -3.15 21.82
C GLN A 146 12.40 -4.09 22.95
N LEU A 147 12.46 -5.40 22.68
CA LEU A 147 12.10 -6.38 23.70
C LEU A 147 13.12 -6.35 24.83
N GLN A 148 14.37 -6.00 24.51
CA GLN A 148 15.42 -5.92 25.50
C GLN A 148 15.00 -4.82 26.47
N GLN A 149 14.58 -3.68 25.90
CA GLN A 149 14.14 -2.55 26.71
C GLN A 149 12.89 -2.90 27.50
N PHE A 150 11.98 -3.64 26.87
CA PHE A 150 10.75 -4.07 27.52
C PHE A 150 11.04 -4.96 28.73
N ALA A 151 12.15 -5.71 28.66
CA ALA A 151 12.53 -6.61 29.73
C ALA A 151 12.79 -5.86 31.04
N SER A 152 13.42 -4.70 30.95
CA SER A 152 13.73 -3.90 32.13
C SER A 152 12.47 -3.23 32.70
N LEU A 153 11.34 -3.43 32.03
CA LEU A 153 10.09 -2.86 32.48
C LEU A 153 9.15 -3.91 33.06
N ALA A 154 9.53 -5.18 32.91
CA ALA A 154 8.72 -6.28 33.42
C ALA A 154 9.01 -6.54 34.90
N THR A 155 7.94 -6.61 35.70
CA THR A 155 8.06 -6.84 37.12
C THR A 155 7.98 -8.33 37.48
N ASN A 156 7.72 -9.18 36.50
CA ASN A 156 7.64 -10.61 36.72
C ASN A 156 8.91 -11.26 36.18
N GLU A 157 9.69 -11.87 37.07
CA GLU A 157 10.95 -12.51 36.69
C GLU A 157 10.83 -13.46 35.51
N LYS A 158 9.88 -14.37 35.56
CA LYS A 158 9.65 -15.33 34.49
C LYS A 158 9.46 -14.62 33.15
N GLU A 159 8.65 -13.56 33.16
CA GLU A 159 8.39 -12.79 31.94
C GLU A 159 9.64 -12.05 31.48
N LYS A 160 10.36 -11.46 32.43
CA LYS A 160 11.58 -10.73 32.11
C LYS A 160 12.55 -11.66 31.41
N GLN A 161 12.71 -12.86 31.95
CA GLN A 161 13.61 -13.84 31.37
C GLN A 161 13.21 -14.21 29.94
N ARG A 162 11.92 -14.44 29.73
CA ARG A 162 11.43 -14.79 28.39
C ARG A 162 11.75 -13.65 27.43
N LEU A 163 11.42 -12.42 27.83
CA LEU A 163 11.67 -11.24 27.03
C LEU A 163 13.16 -11.12 26.69
N LEU A 164 14.01 -11.46 27.66
CA LEU A 164 15.45 -11.40 27.45
C LEU A 164 15.91 -12.43 26.42
N VAL A 165 15.29 -13.60 26.42
CA VAL A 165 15.64 -14.63 25.46
C VAL A 165 15.28 -14.11 24.06
N LEU A 166 14.08 -13.57 23.93
CA LEU A 166 13.61 -13.03 22.65
C LEU A 166 14.49 -11.87 22.18
N SER A 167 14.98 -11.08 23.13
CA SER A 167 15.83 -9.94 22.79
C SER A 167 17.11 -10.34 22.09
N LYS A 168 17.47 -11.62 22.18
CA LYS A 168 18.68 -12.10 21.51
C LYS A 168 18.49 -12.03 20.00
N GLY A 169 17.22 -12.03 19.58
CA GLY A 169 16.92 -11.94 18.16
C GLY A 169 17.40 -13.11 17.32
N LEU A 170 17.40 -14.30 17.90
CA LEU A 170 17.84 -15.48 17.18
C LEU A 170 16.67 -16.44 17.00
N GLN A 171 16.94 -17.74 17.07
CA GLN A 171 15.92 -18.77 16.86
C GLN A 171 14.61 -18.55 17.62
N GLU A 172 14.70 -18.30 18.92
CA GLU A 172 13.51 -18.10 19.73
C GLU A 172 12.69 -16.89 19.27
N TYR A 173 13.39 -15.81 18.93
CA TYR A 173 12.74 -14.60 18.47
C TYR A 173 12.02 -14.82 17.14
N GLU A 174 12.71 -15.44 16.19
CA GLU A 174 12.15 -15.70 14.87
C GLU A 174 10.90 -16.57 14.97
N GLU A 175 10.96 -17.60 15.80
CA GLU A 175 9.85 -18.51 16.00
C GLU A 175 8.63 -17.72 16.52
N TRP A 176 8.89 -16.85 17.50
CA TRP A 176 7.87 -15.99 18.12
C TRP A 176 7.27 -15.01 17.12
N LYS A 177 8.14 -14.28 16.43
CA LYS A 177 7.71 -13.30 15.45
C LYS A 177 7.00 -13.91 14.24
N TRP A 178 7.63 -14.90 13.62
CA TRP A 178 7.05 -15.53 12.43
C TRP A 178 5.76 -16.29 12.72
N GLY A 179 5.64 -16.84 13.92
CA GLY A 179 4.45 -17.59 14.26
C GLY A 179 3.30 -16.75 14.79
N LYS A 180 3.63 -15.69 15.53
CA LYS A 180 2.60 -14.83 16.11
C LYS A 180 2.37 -13.50 15.42
N ASN A 181 3.39 -12.96 14.75
CA ASN A 181 3.22 -11.67 14.08
C ASN A 181 2.52 -10.74 15.08
N PRO A 182 3.02 -10.69 16.34
CA PRO A 182 2.45 -9.87 17.41
C PRO A 182 2.41 -8.36 17.23
N THR A 183 1.24 -7.79 17.55
CA THR A 183 1.06 -6.35 17.50
C THR A 183 1.60 -5.84 18.84
N MET A 184 1.78 -4.54 18.97
CA MET A 184 2.29 -3.98 20.22
C MET A 184 1.39 -4.35 21.39
N VAL A 185 0.08 -4.18 21.23
CA VAL A 185 -0.84 -4.50 22.31
C VAL A 185 -0.81 -5.99 22.64
N GLU A 186 -0.55 -6.82 21.64
CA GLU A 186 -0.48 -8.26 21.85
C GLU A 186 0.72 -8.64 22.72
N VAL A 187 1.81 -7.92 22.54
CA VAL A 187 3.02 -8.16 23.32
C VAL A 187 2.78 -7.82 24.78
N LEU A 188 2.16 -6.67 25.02
CA LEU A 188 1.88 -6.24 26.39
C LEU A 188 0.90 -7.18 27.09
N GLU A 189 0.08 -7.86 26.31
CA GLU A 189 -0.88 -8.79 26.87
C GLU A 189 -0.25 -10.15 27.15
N GLU A 190 0.78 -10.50 26.39
CA GLU A 190 1.47 -11.78 26.60
C GLU A 190 2.35 -11.64 27.84
N PHE A 191 2.81 -10.41 28.09
CA PHE A 191 3.66 -10.12 29.25
C PHE A 191 3.02 -8.97 30.01
N PRO A 192 1.92 -9.25 30.73
CA PRO A 192 1.20 -8.24 31.51
C PRO A 192 1.98 -7.53 32.61
N SER A 193 3.15 -8.06 32.96
CA SER A 193 3.94 -7.44 34.01
C SER A 193 4.73 -6.24 33.49
N ILE A 194 4.72 -6.03 32.18
CA ILE A 194 5.44 -4.90 31.60
C ILE A 194 4.75 -3.60 32.02
N GLN A 195 5.53 -2.69 32.58
CA GLN A 195 5.03 -1.39 33.01
C GLN A 195 5.37 -0.47 31.86
N MET A 196 4.41 -0.26 30.97
CA MET A 196 4.64 0.57 29.79
C MET A 196 4.29 2.04 29.92
N PRO A 197 5.31 2.92 29.95
CA PRO A 197 5.08 4.35 30.06
C PRO A 197 4.50 4.86 28.73
N ALA A 198 3.51 5.73 28.81
CA ALA A 198 2.89 6.27 27.60
C ALA A 198 3.92 6.99 26.73
N THR A 199 4.84 7.73 27.35
CA THR A 199 5.85 8.47 26.60
C THR A 199 6.81 7.58 25.80
N LEU A 200 7.00 6.34 26.24
CA LEU A 200 7.89 5.43 25.53
C LEU A 200 7.26 5.08 24.19
N LEU A 201 6.03 4.58 24.22
CA LEU A 201 5.32 4.23 22.99
C LEU A 201 5.10 5.44 22.10
N LEU A 202 4.73 6.57 22.69
CA LEU A 202 4.48 7.78 21.92
C LEU A 202 5.71 8.31 21.19
N THR A 203 6.90 7.99 21.70
CA THR A 203 8.13 8.46 21.08
C THR A 203 8.94 7.37 20.38
N GLN A 204 8.75 6.10 20.77
CA GLN A 204 9.52 5.03 20.16
C GLN A 204 8.88 4.32 18.97
N LEU A 205 7.54 4.29 18.93
CA LEU A 205 6.86 3.64 17.81
C LEU A 205 7.14 4.44 16.54
N SER A 206 7.18 3.77 15.39
CA SER A 206 7.42 4.45 14.13
C SER A 206 6.14 5.18 13.69
N LEU A 207 6.30 6.17 12.82
CA LEU A 207 5.14 6.91 12.33
C LEU A 207 4.33 5.99 11.43
N LEU A 208 3.01 6.21 11.40
CA LEU A 208 2.14 5.39 10.56
C LEU A 208 2.39 5.88 9.14
N GLN A 209 2.82 4.97 8.27
CA GLN A 209 3.11 5.34 6.89
C GLN A 209 1.89 5.28 5.99
N PRO A 210 1.88 6.11 4.95
CA PRO A 210 0.72 6.08 4.03
C PRO A 210 0.91 4.86 3.14
N ARG A 211 -0.19 4.36 2.58
CA ARG A 211 -0.13 3.21 1.69
C ARG A 211 -0.47 3.72 0.29
N TYR A 212 0.27 3.24 -0.72
CA TYR A 212 0.04 3.65 -2.09
C TYR A 212 -0.90 2.72 -2.86
N TYR A 213 -1.73 3.31 -3.71
CA TYR A 213 -2.67 2.54 -4.52
C TYR A 213 -2.69 3.12 -5.93
N SER A 214 -2.75 2.24 -6.93
CA SER A 214 -2.79 2.69 -8.32
C SER A 214 -4.18 3.21 -8.64
N ILE A 215 -4.26 4.49 -8.97
CA ILE A 215 -5.54 5.11 -9.27
C ILE A 215 -6.20 4.35 -10.42
N SER A 216 -7.46 3.96 -10.18
CA SER A 216 -8.21 3.15 -11.14
C SER A 216 -9.27 3.90 -11.94
N SER A 217 -9.11 5.21 -12.05
CA SER A 217 -10.08 6.01 -12.79
C SER A 217 -9.41 7.07 -13.66
N SER A 218 -10.13 7.49 -14.68
CA SER A 218 -9.65 8.57 -15.56
C SER A 218 -10.29 9.83 -14.98
N PRO A 219 -9.52 10.91 -14.84
CA PRO A 219 -10.07 12.15 -14.30
C PRO A 219 -11.12 12.80 -15.21
N ASP A 220 -11.11 12.43 -16.49
CA ASP A 220 -12.08 12.98 -17.43
C ASP A 220 -13.39 12.19 -17.38
N MET A 221 -13.30 10.88 -17.15
CA MET A 221 -14.49 10.06 -17.07
C MET A 221 -15.20 10.30 -15.74
N TYR A 222 -14.44 10.54 -14.68
CA TYR A 222 -15.02 10.79 -13.38
C TYR A 222 -14.48 12.05 -12.71
N PRO A 223 -14.94 13.23 -13.16
CA PRO A 223 -14.48 14.50 -12.59
C PRO A 223 -14.69 14.54 -11.08
N ASP A 224 -13.69 15.05 -10.36
CA ASP A 224 -13.77 15.17 -8.90
C ASP A 224 -13.78 13.86 -8.14
N GLU A 225 -13.39 12.78 -8.79
CA GLU A 225 -13.36 11.47 -8.13
C GLU A 225 -12.03 10.75 -8.31
N VAL A 226 -11.73 9.84 -7.40
CA VAL A 226 -10.52 9.01 -7.46
C VAL A 226 -10.96 7.61 -7.07
N HIS A 227 -10.71 6.64 -7.95
CA HIS A 227 -11.11 5.26 -7.71
C HIS A 227 -9.91 4.40 -7.37
N LEU A 228 -10.11 3.41 -6.50
CA LEU A 228 -9.04 2.50 -6.09
C LEU A 228 -9.53 1.05 -6.16
N THR A 229 -8.59 0.14 -6.38
CA THR A 229 -8.87 -1.30 -6.43
C THR A 229 -7.99 -1.84 -5.30
N VAL A 230 -8.62 -2.33 -4.24
CA VAL A 230 -7.88 -2.79 -3.06
C VAL A 230 -8.10 -4.22 -2.62
N ALA A 231 -7.01 -4.99 -2.58
CA ALA A 231 -7.06 -6.38 -2.14
C ALA A 231 -7.15 -6.32 -0.63
N ILE A 232 -8.09 -7.07 -0.04
CA ILE A 232 -8.21 -7.06 1.41
C ILE A 232 -7.21 -8.03 2.03
N VAL A 233 -6.34 -7.49 2.87
CA VAL A 233 -5.33 -8.30 3.54
C VAL A 233 -5.81 -8.74 4.92
N SER A 234 -5.92 -10.05 5.10
CA SER A 234 -6.33 -10.64 6.37
C SER A 234 -5.64 -11.99 6.48
N TYR A 235 -5.17 -12.33 7.68
CA TYR A 235 -4.47 -13.58 7.86
C TYR A 235 -4.53 -14.19 9.26
N HIS A 236 -4.49 -15.51 9.30
CA HIS A 236 -4.51 -16.27 10.55
C HIS A 236 -3.11 -16.34 11.13
N THR A 237 -2.99 -16.10 12.43
CA THR A 237 -1.71 -16.16 13.10
C THR A 237 -1.61 -17.49 13.84
N ARG A 238 -0.46 -17.77 14.43
CA ARG A 238 -0.23 -18.99 15.18
C ARG A 238 -0.79 -20.26 14.52
N ASP A 239 -0.46 -20.44 13.24
CA ASP A 239 -0.91 -21.59 12.46
C ASP A 239 -2.41 -21.83 12.39
N GLY A 240 -3.20 -21.04 13.12
CA GLY A 240 -4.64 -21.23 13.08
C GLY A 240 -5.38 -20.90 14.36
N GLU A 241 -4.74 -21.16 15.50
CA GLU A 241 -5.37 -20.86 16.77
C GLU A 241 -5.18 -19.41 17.19
N GLY A 242 -4.30 -18.71 16.49
CA GLY A 242 -4.06 -17.31 16.82
C GLY A 242 -5.15 -16.43 16.24
N PRO A 243 -5.24 -15.17 16.69
CA PRO A 243 -6.27 -14.27 16.17
C PRO A 243 -5.99 -13.91 14.71
N VAL A 244 -6.99 -13.36 14.04
CA VAL A 244 -6.84 -12.96 12.64
C VAL A 244 -6.34 -11.53 12.57
N HIS A 245 -5.25 -11.32 11.87
CA HIS A 245 -4.70 -9.96 11.71
C HIS A 245 -5.07 -9.40 10.36
N HIS A 246 -5.49 -8.14 10.35
CA HIS A 246 -5.89 -7.47 9.13
C HIS A 246 -4.92 -6.36 8.75
N GLY A 247 -4.69 -6.20 7.46
CA GLY A 247 -3.82 -5.13 6.99
C GLY A 247 -4.46 -3.85 7.48
N VAL A 248 -3.63 -2.93 7.97
CA VAL A 248 -4.15 -1.67 8.49
C VAL A 248 -4.97 -0.83 7.50
N CYS A 249 -4.35 -0.43 6.39
CA CYS A 249 -5.04 0.42 5.43
C CYS A 249 -6.15 -0.29 4.65
N SER A 250 -5.93 -1.52 4.20
CA SER A 250 -6.97 -2.20 3.46
C SER A 250 -8.20 -2.45 4.33
N SER A 251 -7.99 -2.85 5.58
CA SER A 251 -9.13 -3.09 6.45
C SER A 251 -9.85 -1.77 6.79
N TRP A 252 -9.07 -0.70 6.94
CA TRP A 252 -9.63 0.61 7.25
C TRP A 252 -10.54 1.04 6.09
N LEU A 253 -10.03 0.94 4.87
CA LEU A 253 -10.79 1.31 3.69
C LEU A 253 -12.05 0.44 3.59
N ASN A 254 -11.98 -0.75 4.17
CA ASN A 254 -13.11 -1.69 4.15
C ASN A 254 -14.09 -1.40 5.29
N ARG A 255 -13.75 -0.45 6.16
CA ARG A 255 -14.61 -0.10 7.30
C ARG A 255 -15.24 1.28 7.27
N ILE A 256 -14.54 2.26 6.70
CA ILE A 256 -15.06 3.63 6.68
C ILE A 256 -16.44 3.78 6.04
N GLN A 257 -17.16 4.80 6.46
CA GLN A 257 -18.50 5.04 5.95
C GLN A 257 -18.51 6.27 5.06
N ALA A 258 -19.47 6.33 4.15
CA ALA A 258 -19.60 7.45 3.24
C ALA A 258 -19.54 8.77 4.00
N ASP A 259 -18.73 9.71 3.51
CA ASP A 259 -18.53 11.03 4.11
C ASP A 259 -17.31 11.10 5.04
N ASP A 260 -16.84 9.95 5.51
CA ASP A 260 -15.64 9.91 6.38
C ASP A 260 -14.44 10.51 5.67
N VAL A 261 -13.62 11.24 6.42
CA VAL A 261 -12.45 11.89 5.85
C VAL A 261 -11.30 10.92 5.54
N VAL A 262 -10.84 10.96 4.30
CA VAL A 262 -9.74 10.12 3.85
C VAL A 262 -8.57 11.03 3.48
N PRO A 263 -7.56 11.15 4.36
CA PRO A 263 -6.39 11.98 4.13
C PRO A 263 -5.52 11.31 3.07
N CYS A 264 -5.21 12.04 2.01
CA CYS A 264 -4.41 11.46 0.93
C CYS A 264 -3.69 12.49 0.09
N PHE A 265 -2.87 12.00 -0.84
CA PHE A 265 -2.12 12.86 -1.74
C PHE A 265 -1.80 12.06 -3.00
N VAL A 266 -1.60 12.77 -4.11
CA VAL A 266 -1.27 12.15 -5.37
C VAL A 266 0.25 12.11 -5.57
N ARG A 267 0.77 10.96 -5.97
CA ARG A 267 2.19 10.85 -6.25
C ARG A 267 2.27 10.47 -7.72
N GLY A 268 2.73 11.42 -8.53
CA GLY A 268 2.84 11.19 -9.96
C GLY A 268 3.76 10.04 -10.32
N ALA A 269 3.42 9.35 -11.41
CA ALA A 269 4.21 8.23 -11.92
C ALA A 269 4.53 8.57 -13.37
N PRO A 270 5.51 9.46 -13.57
CA PRO A 270 5.92 9.89 -14.91
C PRO A 270 6.29 8.75 -15.86
N SER A 271 6.73 7.62 -15.30
CA SER A 271 7.11 6.48 -16.12
C SER A 271 6.03 5.40 -16.27
N PHE A 272 4.79 5.74 -15.89
CA PHE A 272 3.68 4.80 -16.05
C PHE A 272 2.42 5.50 -16.57
N HIS A 273 2.63 6.40 -17.53
CA HIS A 273 1.54 7.13 -18.17
C HIS A 273 1.39 6.60 -19.58
N LEU A 274 0.23 6.80 -20.17
CA LEU A 274 0.00 6.37 -21.56
C LEU A 274 1.00 7.16 -22.39
N PRO A 275 1.33 6.67 -23.59
CA PRO A 275 2.30 7.38 -24.43
C PRO A 275 1.69 8.68 -24.96
N ARG A 276 2.55 9.65 -25.25
CA ARG A 276 2.08 10.91 -25.79
C ARG A 276 1.53 10.66 -27.19
N ASN A 277 2.12 9.68 -27.88
CA ASN A 277 1.68 9.32 -29.22
C ASN A 277 0.59 8.26 -29.11
N PRO A 278 -0.66 8.63 -29.45
CA PRO A 278 -1.80 7.71 -29.39
C PRO A 278 -1.79 6.61 -30.45
N GLN A 279 -0.91 6.75 -31.45
CA GLN A 279 -0.87 5.78 -32.54
C GLN A 279 0.00 4.53 -32.36
N VAL A 280 0.79 4.48 -31.30
CA VAL A 280 1.63 3.30 -31.09
C VAL A 280 0.90 2.28 -30.24
N PRO A 281 1.12 0.98 -30.53
CA PRO A 281 0.47 -0.10 -29.77
C PRO A 281 0.94 -0.26 -28.33
N CYS A 282 -0.02 -0.49 -27.44
CA CYS A 282 0.26 -0.69 -26.03
C CYS A 282 -0.28 -2.05 -25.61
N ILE A 283 0.53 -2.79 -24.85
CA ILE A 283 0.13 -4.09 -24.32
C ILE A 283 0.16 -3.92 -22.80
N LEU A 284 -0.98 -4.17 -22.17
CA LEU A 284 -1.12 -4.04 -20.71
C LEU A 284 -1.17 -5.41 -20.05
N VAL A 285 -0.25 -5.65 -19.11
CA VAL A 285 -0.18 -6.93 -18.41
C VAL A 285 -0.38 -6.67 -16.92
N GLY A 286 -1.54 -7.07 -16.39
CA GLY A 286 -1.81 -6.84 -14.98
C GLY A 286 -2.75 -7.83 -14.34
N PRO A 287 -2.24 -8.96 -13.85
CA PRO A 287 -3.08 -9.98 -13.20
C PRO A 287 -3.54 -9.55 -11.81
N GLY A 288 -4.71 -10.05 -11.41
CA GLY A 288 -5.27 -9.71 -10.12
C GLY A 288 -5.46 -8.22 -9.96
N THR A 289 -5.10 -7.70 -8.79
CA THR A 289 -5.23 -6.28 -8.51
C THR A 289 -4.32 -5.45 -9.40
N GLY A 290 -3.40 -6.12 -10.10
CA GLY A 290 -2.50 -5.42 -10.99
C GLY A 290 -3.24 -4.76 -12.13
N ILE A 291 -4.53 -5.05 -12.26
CA ILE A 291 -5.33 -4.45 -13.32
C ILE A 291 -5.66 -2.98 -12.99
N ALA A 292 -5.49 -2.62 -11.72
CA ALA A 292 -5.80 -1.29 -11.20
C ALA A 292 -5.48 -0.06 -12.08
N PRO A 293 -4.20 0.16 -12.42
CA PRO A 293 -3.89 1.33 -13.26
C PRO A 293 -4.47 1.24 -14.66
N PHE A 294 -4.67 0.02 -15.14
CA PHE A 294 -5.20 -0.16 -16.49
C PHE A 294 -6.67 0.22 -16.62
N ARG A 295 -7.37 0.30 -15.49
CA ARG A 295 -8.76 0.71 -15.51
C ARG A 295 -8.74 2.21 -15.81
N SER A 296 -7.76 2.92 -15.25
CA SER A 296 -7.67 4.35 -15.52
C SER A 296 -7.29 4.53 -17.00
N PHE A 297 -6.46 3.62 -17.52
CA PHE A 297 -6.06 3.68 -18.93
C PHE A 297 -7.22 3.46 -19.90
N TRP A 298 -8.02 2.41 -19.68
CA TRP A 298 -9.09 2.16 -20.63
C TRP A 298 -10.23 3.18 -20.56
N GLN A 299 -10.41 3.79 -19.39
CA GLN A 299 -11.43 4.83 -19.25
C GLN A 299 -10.94 6.07 -19.99
N GLN A 300 -9.65 6.37 -19.86
CA GLN A 300 -9.11 7.54 -20.54
C GLN A 300 -9.19 7.39 -22.04
N ARG A 301 -8.86 6.20 -22.53
CA ARG A 301 -8.90 5.93 -23.97
C ARG A 301 -10.34 5.98 -24.47
N GLN A 302 -11.27 5.48 -23.67
CA GLN A 302 -12.67 5.51 -24.07
C GLN A 302 -13.11 6.97 -24.17
N PHE A 303 -12.71 7.77 -23.18
CA PHE A 303 -13.06 9.19 -23.16
C PHE A 303 -12.43 9.92 -24.35
N ASP A 304 -11.16 9.64 -24.61
CA ASP A 304 -10.46 10.29 -25.72
C ASP A 304 -11.15 9.98 -27.04
N ILE A 305 -11.65 8.76 -27.17
CA ILE A 305 -12.33 8.33 -28.37
C ILE A 305 -13.72 8.98 -28.53
N GLN A 306 -14.56 8.82 -27.52
CA GLN A 306 -15.91 9.36 -27.60
C GLN A 306 -16.09 10.85 -27.40
N HIS A 307 -15.22 11.48 -26.62
CA HIS A 307 -15.34 12.91 -26.34
C HIS A 307 -14.31 13.81 -27.02
N LYS A 308 -13.12 13.29 -27.29
CA LYS A 308 -12.07 14.10 -27.94
C LYS A 308 -11.88 13.82 -29.42
N GLY A 309 -12.68 12.92 -29.98
CA GLY A 309 -12.57 12.61 -31.40
C GLY A 309 -11.27 11.97 -31.81
N MET A 310 -10.59 11.34 -30.86
CA MET A 310 -9.32 10.69 -31.17
C MET A 310 -9.52 9.28 -31.70
N ASN A 311 -8.51 8.78 -32.41
CA ASN A 311 -8.54 7.42 -32.95
C ASN A 311 -7.24 6.73 -32.59
N PRO A 312 -7.04 6.47 -31.29
CA PRO A 312 -5.81 5.81 -30.83
C PRO A 312 -5.72 4.37 -31.30
N CYS A 313 -4.50 3.85 -31.34
CA CYS A 313 -4.26 2.48 -31.74
C CYS A 313 -4.85 1.60 -30.63
N PRO A 314 -5.71 0.64 -30.99
CA PRO A 314 -6.32 -0.25 -29.99
C PRO A 314 -5.27 -0.99 -29.15
N MET A 315 -5.48 -1.05 -27.84
CA MET A 315 -4.54 -1.72 -26.95
C MET A 315 -4.91 -3.18 -26.78
N VAL A 316 -4.08 -3.90 -26.04
CA VAL A 316 -4.32 -5.31 -25.74
C VAL A 316 -4.20 -5.47 -24.23
N LEU A 317 -5.14 -6.20 -23.63
CA LEU A 317 -5.09 -6.43 -22.20
C LEU A 317 -4.84 -7.90 -21.91
N VAL A 318 -3.88 -8.17 -21.04
CA VAL A 318 -3.55 -9.52 -20.64
C VAL A 318 -3.77 -9.52 -19.14
N PHE A 319 -4.88 -10.11 -18.73
CA PHE A 319 -5.27 -10.18 -17.32
C PHE A 319 -5.12 -11.62 -16.86
N GLY A 320 -5.15 -11.82 -15.54
CA GLY A 320 -5.04 -13.16 -15.00
C GLY A 320 -5.65 -13.21 -13.61
N CYS A 321 -6.23 -14.36 -13.25
CA CYS A 321 -6.83 -14.52 -11.93
C CYS A 321 -7.07 -16.01 -11.68
N ARG A 322 -7.63 -16.34 -10.53
CA ARG A 322 -7.89 -17.73 -10.19
C ARG A 322 -9.03 -18.38 -10.96
N GLN A 323 -10.23 -17.82 -10.86
CA GLN A 323 -11.40 -18.40 -11.54
C GLN A 323 -12.35 -17.39 -12.16
N SER A 324 -12.98 -17.79 -13.26
CA SER A 324 -13.93 -16.90 -13.91
C SER A 324 -15.10 -16.52 -12.99
N LYS A 325 -15.52 -17.45 -12.13
CA LYS A 325 -16.65 -17.18 -11.25
C LYS A 325 -16.28 -16.61 -9.87
N ILE A 326 -15.00 -16.42 -9.60
CA ILE A 326 -14.58 -15.93 -8.31
C ILE A 326 -13.93 -14.54 -8.28
N ASP A 327 -12.81 -14.38 -8.99
CA ASP A 327 -12.09 -13.12 -8.95
C ASP A 327 -11.76 -12.47 -10.28
N HIS A 328 -12.64 -12.62 -11.27
CA HIS A 328 -12.39 -11.98 -12.55
C HIS A 328 -13.00 -10.59 -12.44
N ILE A 329 -12.35 -9.74 -11.67
CA ILE A 329 -12.82 -8.37 -11.44
C ILE A 329 -12.89 -7.51 -12.71
N TYR A 330 -13.86 -6.60 -12.72
CA TYR A 330 -14.09 -5.66 -13.82
C TYR A 330 -14.32 -6.33 -15.19
N ARG A 331 -14.75 -7.59 -15.17
CA ARG A 331 -14.97 -8.31 -16.42
C ARG A 331 -15.86 -7.60 -17.44
N GLU A 332 -17.06 -7.20 -17.02
CA GLU A 332 -17.99 -6.53 -17.92
C GLU A 332 -17.46 -5.17 -18.40
N GLU A 333 -16.76 -4.45 -17.53
CA GLU A 333 -16.18 -3.16 -17.91
C GLU A 333 -15.15 -3.30 -19.03
N THR A 334 -14.25 -4.27 -18.92
CA THR A 334 -13.23 -4.46 -19.95
C THR A 334 -13.90 -4.88 -21.26
N LEU A 335 -14.96 -5.66 -21.13
CA LEU A 335 -15.72 -6.13 -22.30
C LEU A 335 -16.31 -4.94 -23.05
N GLN A 336 -16.91 -4.03 -22.30
CA GLN A 336 -17.50 -2.84 -22.89
C GLN A 336 -16.44 -1.93 -23.49
N ALA A 337 -15.27 -1.84 -22.85
CA ALA A 337 -14.20 -1.00 -23.38
C ALA A 337 -13.75 -1.57 -24.72
N LYS A 338 -13.68 -2.90 -24.81
CA LYS A 338 -13.29 -3.54 -26.06
C LYS A 338 -14.31 -3.21 -27.15
N ASN A 339 -15.60 -3.32 -26.82
CA ASN A 339 -16.66 -3.05 -27.76
C ASN A 339 -16.63 -1.63 -28.31
N LYS A 340 -16.07 -0.70 -27.54
CA LYS A 340 -16.00 0.68 -27.96
C LYS A 340 -14.69 1.01 -28.66
N GLY A 341 -13.91 -0.01 -28.96
CA GLY A 341 -12.65 0.19 -29.66
C GLY A 341 -11.40 0.51 -28.86
N VAL A 342 -11.49 0.43 -27.53
CA VAL A 342 -10.33 0.73 -26.68
C VAL A 342 -9.31 -0.40 -26.78
N PHE A 343 -9.81 -1.62 -26.80
CA PHE A 343 -8.98 -2.81 -26.88
C PHE A 343 -9.25 -3.58 -28.17
N ARG A 344 -8.18 -4.12 -28.77
CA ARG A 344 -8.31 -4.92 -29.98
C ARG A 344 -8.67 -6.32 -29.51
N GLU A 345 -8.07 -6.73 -28.40
CA GLU A 345 -8.31 -8.05 -27.86
C GLU A 345 -8.12 -8.09 -26.35
N LEU A 346 -8.83 -9.02 -25.71
CA LEU A 346 -8.74 -9.21 -24.27
C LEU A 346 -8.34 -10.65 -24.02
N TYR A 347 -7.44 -10.85 -23.08
CA TYR A 347 -7.00 -12.20 -22.73
C TYR A 347 -7.05 -12.36 -21.23
N THR A 348 -7.44 -13.54 -20.78
CA THR A 348 -7.49 -13.82 -19.35
C THR A 348 -6.88 -15.18 -19.09
N ALA A 349 -5.85 -15.22 -18.25
CA ALA A 349 -5.17 -16.46 -17.90
C ALA A 349 -5.69 -16.92 -16.55
N TYR A 350 -6.46 -18.01 -16.53
CA TYR A 350 -7.01 -18.54 -15.28
C TYR A 350 -6.04 -19.55 -14.70
N SER A 351 -5.74 -19.41 -13.41
CA SER A 351 -4.78 -20.31 -12.77
C SER A 351 -5.41 -21.49 -12.00
N ARG A 352 -6.65 -21.32 -11.54
CA ARG A 352 -7.32 -22.37 -10.76
C ARG A 352 -8.73 -22.64 -11.29
N GLU A 353 -8.92 -22.50 -12.60
CA GLU A 353 -10.23 -22.72 -13.18
C GLU A 353 -10.53 -24.22 -13.23
N PRO A 354 -11.69 -24.64 -12.69
CA PRO A 354 -12.05 -26.06 -12.69
C PRO A 354 -11.97 -26.69 -14.08
N ASP A 355 -11.30 -27.83 -14.16
CA ASP A 355 -11.15 -28.57 -15.42
C ASP A 355 -10.46 -27.76 -16.51
N ARG A 356 -9.57 -26.86 -16.11
CA ARG A 356 -8.82 -26.01 -17.04
C ARG A 356 -7.37 -25.99 -16.58
N PRO A 357 -6.42 -26.20 -17.50
CA PRO A 357 -5.02 -26.18 -17.07
C PRO A 357 -4.58 -24.79 -16.64
N LYS A 358 -3.71 -24.73 -15.63
CA LYS A 358 -3.22 -23.45 -15.13
C LYS A 358 -2.62 -22.61 -16.23
N LYS A 359 -2.92 -21.33 -16.21
CA LYS A 359 -2.34 -20.39 -17.18
C LYS A 359 -2.02 -19.09 -16.47
N TYR A 360 -0.83 -18.57 -16.73
CA TYR A 360 -0.36 -17.31 -16.15
C TYR A 360 -0.28 -16.29 -17.30
N VAL A 361 -0.21 -15.02 -16.96
CA VAL A 361 -0.12 -14.00 -18.00
C VAL A 361 1.07 -14.22 -18.95
N GLN A 362 2.20 -14.66 -18.42
CA GLN A 362 3.36 -14.90 -19.28
C GLN A 362 3.10 -16.02 -20.29
N ASP A 363 2.17 -16.92 -19.97
CA ASP A 363 1.84 -18.01 -20.89
C ASP A 363 1.09 -17.46 -22.10
N VAL A 364 0.20 -16.51 -21.84
CA VAL A 364 -0.55 -15.88 -22.92
C VAL A 364 0.42 -15.12 -23.83
N LEU A 365 1.36 -14.41 -23.22
CA LEU A 365 2.35 -13.65 -23.99
C LEU A 365 3.14 -14.54 -24.93
N GLN A 366 3.65 -15.65 -24.40
CA GLN A 366 4.47 -16.57 -25.19
C GLN A 366 3.69 -17.48 -26.13
N GLU A 367 2.55 -17.99 -25.68
CA GLU A 367 1.77 -18.90 -26.50
C GLU A 367 0.79 -18.27 -27.49
N GLN A 368 0.30 -17.07 -27.21
CA GLN A 368 -0.66 -16.44 -28.11
C GLN A 368 -0.26 -15.09 -28.70
N LEU A 369 0.68 -14.39 -28.06
CA LEU A 369 1.08 -13.07 -28.52
C LEU A 369 2.57 -12.86 -28.82
N ALA A 370 3.34 -13.94 -28.97
CA ALA A 370 4.77 -13.81 -29.22
C ALA A 370 5.14 -12.86 -30.36
N GLU A 371 4.61 -13.12 -31.55
CA GLU A 371 4.90 -12.27 -32.71
C GLU A 371 4.38 -10.85 -32.51
N SER A 372 3.18 -10.73 -31.95
CA SER A 372 2.58 -9.42 -31.69
C SER A 372 3.47 -8.59 -30.76
N VAL A 373 3.91 -9.21 -29.67
CA VAL A 373 4.76 -8.52 -28.71
C VAL A 373 6.02 -8.03 -29.41
N TYR A 374 6.68 -8.93 -30.13
CA TYR A 374 7.90 -8.57 -30.83
C TYR A 374 7.70 -7.43 -31.81
N ARG A 375 6.64 -7.48 -32.62
CA ARG A 375 6.39 -6.43 -33.59
C ARG A 375 6.07 -5.09 -32.96
N ALA A 376 5.27 -5.11 -31.90
CA ALA A 376 4.91 -3.88 -31.22
C ALA A 376 6.14 -3.18 -30.61
N LEU A 377 6.91 -3.92 -29.82
CA LEU A 377 8.07 -3.36 -29.16
C LEU A 377 9.27 -3.05 -30.05
N LYS A 378 9.62 -3.97 -30.94
CA LYS A 378 10.77 -3.76 -31.81
C LYS A 378 10.51 -2.88 -33.03
N GLU A 379 9.45 -3.20 -33.77
CA GLU A 379 9.13 -2.49 -35.01
C GLU A 379 8.10 -1.37 -35.03
N GLN A 380 7.19 -1.33 -34.07
CA GLN A 380 6.13 -0.32 -34.13
C GLN A 380 6.14 0.77 -33.08
N GLY A 381 7.29 0.97 -32.43
CA GLY A 381 7.41 1.99 -31.39
C GLY A 381 6.44 1.78 -30.24
N GLY A 382 5.96 0.54 -30.09
CA GLY A 382 5.01 0.21 -29.05
C GLY A 382 5.52 0.22 -27.61
N HIS A 383 4.60 0.01 -26.68
CA HIS A 383 4.91 0.01 -25.25
C HIS A 383 4.29 -1.20 -24.59
N ILE A 384 4.89 -1.63 -23.48
CA ILE A 384 4.35 -2.73 -22.71
C ILE A 384 4.38 -2.27 -21.25
N TYR A 385 3.26 -2.45 -20.56
CA TYR A 385 3.12 -2.06 -19.15
C TYR A 385 2.86 -3.31 -18.33
N VAL A 386 3.56 -3.44 -17.21
CA VAL A 386 3.41 -4.59 -16.32
C VAL A 386 3.10 -4.07 -14.92
N CYS A 387 2.00 -4.53 -14.34
CA CYS A 387 1.62 -4.07 -13.00
C CYS A 387 1.20 -5.18 -12.07
N GLY A 388 1.60 -5.06 -10.80
CA GLY A 388 1.22 -6.05 -9.83
C GLY A 388 2.33 -6.63 -8.98
N ASP A 389 2.18 -7.90 -8.66
CA ASP A 389 3.13 -8.63 -7.83
C ASP A 389 4.55 -8.61 -8.36
N VAL A 390 5.52 -8.44 -7.45
CA VAL A 390 6.93 -8.38 -7.83
C VAL A 390 7.48 -9.62 -8.53
N THR A 391 7.06 -10.81 -8.09
CA THR A 391 7.55 -12.04 -8.71
C THR A 391 6.95 -12.21 -10.09
N MET A 392 5.66 -11.91 -10.23
CA MET A 392 4.99 -12.00 -11.51
C MET A 392 5.69 -11.07 -12.50
N ALA A 393 5.97 -9.84 -12.08
CA ALA A 393 6.63 -8.87 -12.93
C ALA A 393 7.99 -9.38 -13.42
N ALA A 394 8.76 -10.01 -12.52
CA ALA A 394 10.07 -10.54 -12.87
C ALA A 394 9.91 -11.68 -13.89
N ASP A 395 8.89 -12.52 -13.69
CA ASP A 395 8.64 -13.64 -14.59
C ASP A 395 8.21 -13.16 -15.98
N VAL A 396 7.39 -12.11 -16.01
CA VAL A 396 6.92 -11.55 -17.27
C VAL A 396 8.13 -10.98 -18.05
N LEU A 397 9.03 -10.32 -17.32
CA LEU A 397 10.22 -9.74 -17.95
C LEU A 397 10.97 -10.87 -18.66
N LYS A 398 11.13 -11.99 -17.97
CA LYS A 398 11.84 -13.14 -18.53
C LYS A 398 11.12 -13.66 -19.78
N ALA A 399 9.80 -13.70 -19.74
CA ALA A 399 9.03 -14.18 -20.90
C ALA A 399 9.25 -13.25 -22.09
N ILE A 400 9.25 -11.93 -21.82
CA ILE A 400 9.47 -10.96 -22.88
C ILE A 400 10.88 -11.09 -23.43
N GLN A 401 11.85 -11.36 -22.57
CA GLN A 401 13.22 -11.52 -23.02
C GLN A 401 13.33 -12.75 -23.91
N ARG A 402 12.57 -13.79 -23.58
CA ARG A 402 12.58 -15.02 -24.36
C ARG A 402 11.95 -14.76 -25.72
N ILE A 403 10.86 -13.99 -25.72
CA ILE A 403 10.19 -13.65 -26.95
C ILE A 403 11.19 -12.91 -27.85
N MET A 404 11.93 -11.97 -27.27
CA MET A 404 12.92 -11.21 -28.04
C MET A 404 14.01 -12.14 -28.61
N THR A 405 14.43 -13.15 -27.85
CA THR A 405 15.47 -14.05 -28.36
C THR A 405 14.93 -14.87 -29.53
N GLN A 406 13.72 -15.39 -29.39
CA GLN A 406 13.15 -16.22 -30.45
C GLN A 406 12.65 -15.43 -31.66
N GLN A 407 11.74 -14.49 -31.42
CA GLN A 407 11.18 -13.70 -32.52
C GLN A 407 12.21 -12.75 -33.12
N GLY A 408 13.03 -12.17 -32.25
CA GLY A 408 14.04 -11.24 -32.72
C GLY A 408 15.31 -11.93 -33.19
N LYS A 409 15.43 -13.22 -32.88
CA LYS A 409 16.60 -13.97 -33.30
C LYS A 409 17.86 -13.35 -32.69
N LEU A 410 17.81 -13.10 -31.39
CA LEU A 410 18.92 -12.49 -30.67
C LEU A 410 19.50 -13.45 -29.64
N SER A 411 20.72 -13.17 -29.20
CA SER A 411 21.35 -13.99 -28.18
C SER A 411 20.72 -13.56 -26.86
N GLU A 412 20.92 -14.35 -25.81
CA GLU A 412 20.38 -14.04 -24.50
C GLU A 412 20.81 -12.62 -24.14
N GLU A 413 22.12 -12.39 -24.22
CA GLU A 413 22.70 -11.09 -23.91
C GLU A 413 22.03 -9.92 -24.62
N ASP A 414 21.94 -9.99 -25.94
CA ASP A 414 21.34 -8.89 -26.69
C ASP A 414 19.85 -8.71 -26.41
N ALA A 415 19.14 -9.80 -26.11
CA ALA A 415 17.72 -9.67 -25.80
C ALA A 415 17.59 -8.86 -24.50
N GLY A 416 18.51 -9.11 -23.58
CA GLY A 416 18.52 -8.39 -22.31
C GLY A 416 18.83 -6.92 -22.52
N VAL A 417 19.81 -6.66 -23.38
CA VAL A 417 20.19 -5.28 -23.68
C VAL A 417 19.01 -4.53 -24.30
N PHE A 418 18.32 -5.17 -25.24
CA PHE A 418 17.18 -4.55 -25.89
C PHE A 418 16.12 -4.16 -24.87
N ILE A 419 15.79 -5.06 -23.96
CA ILE A 419 14.79 -4.77 -22.94
C ILE A 419 15.28 -3.64 -22.04
N SER A 420 16.56 -3.64 -21.72
CA SER A 420 17.13 -2.59 -20.89
C SER A 420 16.96 -1.23 -21.58
N ARG A 421 17.15 -1.20 -22.90
CA ARG A 421 17.00 0.04 -23.63
C ARG A 421 15.53 0.46 -23.68
N LEU A 422 14.62 -0.52 -23.74
CA LEU A 422 13.19 -0.21 -23.74
C LEU A 422 12.84 0.51 -22.44
N ARG A 423 13.42 0.04 -21.34
CA ARG A 423 13.18 0.66 -20.05
C ARG A 423 13.72 2.08 -20.11
N ASP A 424 14.97 2.22 -20.53
CA ASP A 424 15.61 3.52 -20.63
C ASP A 424 14.82 4.51 -21.48
N ASP A 425 14.20 4.02 -22.56
CA ASP A 425 13.41 4.87 -23.43
C ASP A 425 11.97 5.01 -22.96
N ASN A 426 11.68 4.48 -21.77
CA ASN A 426 10.33 4.53 -21.21
C ASN A 426 9.29 3.88 -22.13
N ARG A 427 9.61 2.71 -22.68
CA ARG A 427 8.64 2.00 -23.52
C ARG A 427 8.30 0.67 -22.84
N TYR A 428 9.04 0.35 -21.78
CA TYR A 428 8.79 -0.84 -20.99
C TYR A 428 8.48 -0.24 -19.61
N HIS A 429 7.25 -0.40 -19.15
CA HIS A 429 6.82 0.20 -17.89
C HIS A 429 6.48 -0.84 -16.82
N GLU A 430 6.77 -0.50 -15.56
CA GLU A 430 6.47 -1.39 -14.42
C GLU A 430 5.88 -0.63 -13.25
N ASP A 431 4.79 -1.16 -12.69
CA ASP A 431 4.12 -0.60 -11.52
C ASP A 431 4.07 -1.77 -10.52
N ILE A 432 5.14 -1.99 -9.78
CA ILE A 432 5.19 -3.11 -8.84
C ILE A 432 4.65 -2.79 -7.45
N PHE A 433 3.71 -3.61 -6.98
CA PHE A 433 3.09 -3.44 -5.67
C PHE A 433 4.00 -4.02 -4.58
N GLY A 434 5.03 -3.28 -4.18
CA GLY A 434 5.92 -3.80 -3.16
C GLY A 434 5.44 -3.80 -1.73
N VAL A 435 6.13 -4.58 -0.90
CA VAL A 435 5.81 -4.70 0.52
C VAL A 435 6.21 -3.42 1.22
PA FAD B . -0.33 -3.80 6.32
O1A FAD B . 0.73 -2.88 6.03
O2A FAD B . -0.90 -3.59 7.63
O5B FAD B . 0.19 -5.15 6.33
C5B FAD B . 0.79 -5.68 5.10
C4B FAD B . 1.76 -6.69 5.68
O4B FAD B . 0.85 -7.71 6.21
C3B FAD B . 2.57 -7.52 4.69
O3B FAD B . 3.58 -6.88 3.96
C2B FAD B . 3.03 -8.58 5.61
O2B FAD B . 4.10 -8.24 6.48
C1B FAD B . 1.73 -8.87 6.43
N9A FAD B . 0.92 -9.97 5.92
C8A FAD B . -0.07 -10.21 4.93
N7A FAD B . -0.50 -11.47 4.86
C5A FAD B . 0.23 -12.13 5.84
C6A FAD B . 0.26 -13.58 6.33
N6A FAD B . -0.48 -14.52 5.82
N1A FAD B . 1.19 -13.90 7.42
C2A FAD B . 2.05 -12.92 8.04
N3A FAD B . 2.07 -11.57 7.64
C4A FAD B . 1.14 -11.21 6.55
N1 FAD B . -2.51 -2.84 -3.22
C2 FAD B . -3.78 -2.97 -3.68
O2 FAD B . -4.56 -3.71 -3.17
N3 FAD B . -4.18 -2.12 -4.85
C4 FAD B . -3.27 -1.19 -5.50
O4 FAD B . -3.63 -0.50 -6.44
C4X FAD B . -1.90 -1.09 -4.97
N5 FAD B . -0.96 -0.23 -5.54
C5X FAD B . 0.37 -0.10 -5.03
C6 FAD B . 1.30 0.85 -5.66
C7 FAD B . 2.69 1.01 -5.15
C7M FAD B . 3.60 2.01 -5.85
C8 FAD B . 3.16 0.16 -3.91
C8M FAD B . 4.55 0.23 -3.28
C9 FAD B . 2.23 -0.76 -3.28
C9A FAD B . 0.83 -0.93 -3.80
N10 FAD B . -0.21 -1.85 -3.22
C10 FAD B . -1.55 -1.97 -3.77
C1' FAD B . -0.17 -2.34 -1.81
C2' FAD B . -0.61 -1.28 -0.75
O2' FAD B . 0.19 -0.12 -0.77
C3' FAD B . -0.56 -1.83 0.68
O3' FAD B . 0.84 -2.25 0.88
C4' FAD B . -1.45 -3.09 0.93
O4' FAD B . -2.78 -2.60 0.69
C5' FAD B . -1.43 -3.63 2.39
O5' FAD B . -1.60 -2.53 3.33
P FAD B . -2.22 -2.75 4.64
O1P FAD B . -2.08 -1.46 5.33
O2P FAD B . -3.59 -3.16 4.41
O3P FAD B . -1.36 -3.81 5.22
PA NAP C . -3.36 -12.62 -6.87
O1A NAP C . -4.79 -12.32 -6.91
O2A NAP C . -3.10 -13.46 -5.68
O5B NAP C . -3.03 -13.42 -8.03
C5B NAP C . -3.43 -13.07 -9.41
C4B NAP C . -3.00 -14.11 -10.45
O4B NAP C . -1.54 -14.13 -10.53
C3B NAP C . -3.37 -15.53 -10.01
O3B NAP C . -3.99 -16.25 -11.11
C2B NAP C . -2.04 -16.15 -9.55
O2B NAP C . -2.02 -17.66 -9.55
C1B NAP C . -1.07 -15.50 -10.53
N9A NAP C . 0.36 -15.63 -10.16
C8A NAP C . 0.95 -15.95 -8.96
N7A NAP C . 2.28 -15.96 -9.04
C5A NAP C . 2.55 -15.63 -10.35
C6A NAP C . 3.79 -15.47 -11.12
N6A NAP C . 5.01 -15.65 -10.56
N1A NAP C . 3.68 -15.11 -12.50
C2A NAP C . 2.42 -14.91 -13.07
N3A NAP C . 1.20 -15.05 -12.41
C4A NAP C . 1.36 -15.41 -11.05
O3 NAP C . -2.56 -11.37 -6.88
PN NAP C . -2.74 -9.92 -6.48
O1N NAP C . -4.07 -9.40 -6.84
O2N NAP C . -1.64 -9.08 -6.99
O5D NAP C . -2.65 -9.83 -5.01
C5D NAP C . -3.74 -10.19 -4.10
C4D NAP C . -3.36 -10.29 -2.63
O4D NAP C . -2.54 -11.49 -2.48
C3D NAP C . -2.55 -9.14 -2.02
O3D NAP C . -3.05 -8.84 -0.79
C2D NAP C . -1.07 -9.57 -2.05
O2D NAP C . -0.24 -8.95 -1.17
C1D NAP C . -1.24 -11.09 -1.95
N1N NAP C . -0.14 -11.79 -2.65
C2N NAP C . -0.28 -11.95 -4.12
C3N NAP C . 0.87 -12.68 -4.87
C7N NAP C . 0.57 -12.78 -6.33
O7N NAP C . 1.33 -12.36 -7.21
N7N NAP C . -0.58 -13.41 -6.65
C4N NAP C . 2.07 -13.18 -4.09
C5N NAP C . 2.21 -13.01 -2.56
C6N NAP C . 1.03 -12.28 -1.92
P2B NAP C . -2.02 -18.69 -8.51
O1X NAP C . -0.80 -19.46 -8.67
O2X NAP C . -3.16 -19.59 -8.66
O3X NAP C . -2.05 -18.07 -7.20
C1 GOL D . 5.86 -22.05 -9.33
O1 GOL D . 7.01 -22.25 -10.15
C2 GOL D . 5.30 -20.62 -9.43
O2 GOL D . 5.02 -20.26 -10.80
C3 GOL D . 4.07 -20.48 -8.54
O3 GOL D . 3.50 -19.17 -8.59
C1 GOL E . -5.60 14.61 14.92
O1 GOL E . -4.86 15.62 14.20
C2 GOL E . -7.10 14.90 15.07
O2 GOL E . -7.42 16.29 14.91
C3 GOL E . -7.89 13.95 14.15
O3 GOL E . -9.31 14.14 14.21
C1 GOL F . -0.18 -16.12 -5.29
O1 GOL F . 0.08 -17.17 -6.17
C2 GOL F . -0.83 -16.53 -3.97
O2 GOL F . 0.08 -17.38 -3.30
C3 GOL F . -1.13 -15.37 -3.01
O3 GOL F . -2.46 -14.89 -3.11
C1 GOL G . 5.54 -20.36 -13.97
O1 GOL G . 6.12 -21.47 -14.68
C2 GOL G . 6.57 -19.29 -13.54
O2 GOL G . 7.24 -19.80 -12.42
C3 GOL G . 7.65 -18.94 -14.58
O3 GOL G . 7.26 -17.86 -15.44
C1 GOL H . -12.27 5.50 11.68
O1 GOL H . -11.02 4.87 11.36
C2 GOL H . -13.49 4.59 11.71
O2 GOL H . -14.51 5.30 11.07
C3 GOL H . -13.37 3.25 10.95
O3 GOL H . -12.90 2.19 11.77
C FMT I . 0.54 14.49 -11.93
O1 FMT I . 0.85 13.56 -12.74
O2 FMT I . 0.97 14.55 -10.74
C FMT J . 7.73 3.17 -35.53
O1 FMT J . 8.37 3.74 -36.46
O2 FMT J . 7.53 3.71 -34.42
C FMT K . -16.37 -12.76 -10.73
O1 FMT K . -15.38 -13.47 -11.05
O2 FMT K . -17.56 -13.08 -11.03
#